data_4L69
#
_entry.id   4L69
#
_cell.length_a   81.940
_cell.length_b   81.940
_cell.length_c   115.070
_cell.angle_alpha   90.00
_cell.angle_beta   90.00
_cell.angle_gamma   90.00
#
_symmetry.space_group_name_H-M   'P 41 21 2'
#
loop_
_entity.id
_entity.type
_entity.pdbx_description
1 polymer 'Ribosomal RNA small subunit methyltransferase E'
2 water water
#
_entity_poly.entity_id   1
_entity_poly.type   'polypeptide(L)'
_entity_poly.pdbx_seq_one_letter_code
;SMVAMLFYVDTLPDTGAVAVVDGDEGFHAATVRRIRPGEQLVLGDGVGRLARCVVEQAGRGGLRARVLRRWSVPPVRPPV
TVVQALPKSERSELAIELATEAGADAFLAWQAARCVANWDGARVDKGLRRWRAVVRSAARQSRRARIPPVDGVLSTPMLV
QRVREEVAAGAAVLVLHEEATERIVDIAAAQAGSLMLVVGPEGGIAPDELAALTDAGAVAVRLGPTVLRTSTAAAVALGA
VGVLTSRWDASASDCEYCDVTRR
;
_entity_poly.pdbx_strand_id   A
#
# COMPACT_ATOMS: atom_id res chain seq x y z
N VAL A 3 -21.16 8.33 8.39
CA VAL A 3 -19.72 8.36 8.63
C VAL A 3 -19.05 9.44 7.76
N ALA A 4 -18.17 10.26 8.39
CA ALA A 4 -17.46 11.36 7.76
C ALA A 4 -16.48 10.92 6.66
N MET A 5 -16.42 11.71 5.58
CA MET A 5 -15.55 11.46 4.43
C MET A 5 -14.20 12.12 4.61
N LEU A 6 -13.15 11.38 4.25
CA LEU A 6 -11.76 11.82 4.32
C LEU A 6 -11.37 12.52 3.02
N PHE A 7 -10.63 13.63 3.14
CA PHE A 7 -10.12 14.36 1.99
C PHE A 7 -8.67 14.74 2.24
N TYR A 8 -7.78 14.37 1.30
CA TYR A 8 -6.36 14.67 1.43
C TYR A 8 -6.02 16.07 0.97
N VAL A 9 -5.23 16.77 1.79
CA VAL A 9 -4.76 18.15 1.61
C VAL A 9 -3.22 18.11 1.71
N ASP A 10 -2.51 18.96 0.94
CA ASP A 10 -1.04 19.03 0.97
C ASP A 10 -0.52 19.37 2.36
N THR A 11 -1.14 20.37 3.00
CA THR A 11 -0.80 20.82 4.34
C THR A 11 -2.09 21.07 5.15
N LEU A 12 -2.21 20.40 6.30
CA LEU A 12 -3.35 20.54 7.20
C LEU A 12 -3.31 21.92 7.87
N PRO A 13 -4.42 22.69 7.87
CA PRO A 13 -4.38 24.01 8.54
C PRO A 13 -4.50 23.86 10.06
N ASP A 14 -4.12 24.92 10.81
CA ASP A 14 -4.18 24.95 12.28
C ASP A 14 -5.63 24.86 12.79
N THR A 15 -5.81 24.49 14.08
CA THR A 15 -7.12 24.33 14.73
C THR A 15 -8.14 25.43 14.43
N GLY A 16 -7.74 26.68 14.50
CA GLY A 16 -8.63 27.81 14.23
C GLY A 16 -8.96 28.04 12.77
N ALA A 17 -7.99 27.77 11.88
CA ALA A 17 -8.06 27.97 10.43
C ALA A 17 -9.11 27.17 9.66
N VAL A 18 -9.50 27.70 8.49
CA VAL A 18 -10.49 27.13 7.56
C VAL A 18 -9.66 26.49 6.41
N ALA A 19 -10.26 25.59 5.63
CA ALA A 19 -9.59 24.92 4.52
C ALA A 19 -10.49 24.80 3.30
N VAL A 20 -9.92 25.01 2.11
CA VAL A 20 -10.64 24.90 0.84
C VAL A 20 -10.14 23.66 0.10
N VAL A 21 -11.06 22.74 -0.23
CA VAL A 21 -10.73 21.50 -0.95
C VAL A 21 -10.55 21.82 -2.44
N ASP A 22 -9.46 21.30 -3.05
CA ASP A 22 -9.07 21.48 -4.46
C ASP A 22 -10.22 21.24 -5.44
N GLY A 23 -10.32 22.09 -6.47
CA GLY A 23 -11.34 22.11 -7.51
C GLY A 23 -11.93 20.77 -7.93
N ASP A 24 -11.08 19.76 -8.22
CA ASP A 24 -11.48 18.42 -8.63
C ASP A 24 -12.02 17.59 -7.45
N GLU A 25 -11.34 17.64 -6.28
CA GLU A 25 -11.72 16.92 -5.05
C GLU A 25 -12.94 17.57 -4.37
N GLY A 26 -13.08 18.89 -4.54
CA GLY A 26 -14.18 19.69 -4.00
C GLY A 26 -15.45 19.59 -4.80
N PHE A 27 -15.34 19.11 -6.07
CA PHE A 27 -16.47 18.87 -6.98
C PHE A 27 -17.11 17.52 -6.64
N HIS A 28 -16.31 16.61 -6.05
CA HIS A 28 -16.71 15.28 -5.59
C HIS A 28 -17.63 15.38 -4.37
N ALA A 29 -17.44 16.42 -3.54
CA ALA A 29 -18.22 16.65 -2.32
C ALA A 29 -19.50 17.47 -2.55
N ALA A 30 -19.43 18.53 -3.38
CA ALA A 30 -20.57 19.42 -3.65
C ALA A 30 -21.51 18.97 -4.78
N THR A 31 -20.96 18.34 -5.85
CA THR A 31 -21.74 17.89 -7.01
C THR A 31 -21.95 16.36 -7.07
N VAL A 32 -20.89 15.56 -6.81
CA VAL A 32 -20.95 14.10 -6.82
C VAL A 32 -21.70 13.55 -5.58
N ARG A 33 -21.22 13.89 -4.36
CA ARG A 33 -21.82 13.44 -3.09
C ARG A 33 -22.92 14.38 -2.54
N ARG A 34 -22.82 15.70 -2.84
CA ARG A 34 -23.75 16.77 -2.42
C ARG A 34 -23.91 16.89 -0.89
N ILE A 35 -22.83 17.33 -0.21
CA ILE A 35 -22.79 17.49 1.26
C ILE A 35 -23.18 18.88 1.74
N ARG A 36 -24.23 18.94 2.58
CA ARG A 36 -24.82 20.15 3.16
C ARG A 36 -23.86 20.86 4.14
N PRO A 37 -23.81 22.21 4.17
CA PRO A 37 -22.93 22.88 5.15
C PRO A 37 -23.46 22.74 6.57
N GLY A 38 -22.56 22.40 7.49
CA GLY A 38 -22.88 22.14 8.89
C GLY A 38 -22.49 20.72 9.26
N GLU A 39 -22.41 19.84 8.23
CA GLU A 39 -21.99 18.44 8.34
C GLU A 39 -20.48 18.44 8.61
N GLN A 40 -19.97 17.47 9.36
CA GLN A 40 -18.54 17.47 9.64
C GLN A 40 -17.72 16.38 8.95
N LEU A 41 -16.68 16.80 8.20
CA LEU A 41 -15.76 15.90 7.49
C LEU A 41 -14.38 15.78 8.14
N VAL A 42 -13.55 14.84 7.66
CA VAL A 42 -12.18 14.65 8.16
C VAL A 42 -11.21 15.04 7.06
N LEU A 43 -10.17 15.82 7.39
CA LEU A 43 -9.13 16.20 6.44
C LEU A 43 -7.82 15.52 6.84
N GLY A 44 -7.05 15.10 5.85
CA GLY A 44 -5.78 14.46 6.11
C GLY A 44 -4.66 14.95 5.22
N ASP A 45 -3.41 14.93 5.73
CA ASP A 45 -2.25 15.34 4.93
C ASP A 45 -1.62 14.12 4.23
N GLY A 46 -2.20 12.94 4.47
CA GLY A 46 -1.80 11.66 3.90
C GLY A 46 -0.46 11.15 4.42
N VAL A 47 0.03 11.78 5.48
CA VAL A 47 1.33 11.52 6.06
C VAL A 47 1.27 11.39 7.61
N GLY A 48 0.12 10.91 8.09
CA GLY A 48 -0.10 10.66 9.51
C GLY A 48 -1.02 11.62 10.23
N ARG A 49 -1.16 12.85 9.72
CA ARG A 49 -2.00 13.88 10.37
C ARG A 49 -3.46 13.89 9.88
N LEU A 50 -4.41 14.00 10.82
CA LEU A 50 -5.85 14.07 10.57
C LEU A 50 -6.49 15.24 11.31
N ALA A 51 -7.51 15.85 10.70
CA ALA A 51 -8.24 16.96 11.30
C ALA A 51 -9.74 16.80 11.11
N ARG A 52 -10.51 16.95 12.21
CA ARG A 52 -11.97 16.89 12.19
C ARG A 52 -12.44 18.31 11.84
N CYS A 53 -13.17 18.47 10.70
CA CYS A 53 -13.62 19.78 10.23
C CYS A 53 -15.12 19.91 10.03
N VAL A 54 -15.68 21.10 10.31
CA VAL A 54 -17.09 21.42 10.08
C VAL A 54 -17.25 22.24 8.79
N VAL A 55 -18.17 21.83 7.90
CA VAL A 55 -18.42 22.51 6.61
C VAL A 55 -19.12 23.86 6.81
N GLU A 56 -18.41 24.94 6.43
CA GLU A 56 -18.91 26.29 6.51
C GLU A 56 -19.77 26.62 5.28
N GLN A 57 -19.22 26.44 4.06
CA GLN A 57 -19.91 26.71 2.78
C GLN A 57 -19.87 25.49 1.86
N GLY A 61 -18.83 25.32 -6.03
CA GLY A 61 -17.70 24.54 -6.50
C GLY A 61 -16.66 24.25 -5.43
N GLY A 62 -16.28 25.31 -4.69
CA GLY A 62 -15.31 25.24 -3.61
C GLY A 62 -15.91 24.86 -2.28
N LEU A 63 -15.19 24.00 -1.52
CA LEU A 63 -15.64 23.54 -0.20
C LEU A 63 -14.82 24.15 0.95
N ARG A 64 -15.49 24.95 1.81
CA ARG A 64 -14.90 25.63 2.97
C ARG A 64 -15.21 24.90 4.27
N ALA A 65 -14.17 24.31 4.89
CA ALA A 65 -14.28 23.57 6.15
C ALA A 65 -13.29 24.07 7.20
N ARG A 66 -13.82 24.43 8.39
CA ARG A 66 -13.03 24.93 9.53
C ARG A 66 -12.68 23.79 10.47
N VAL A 67 -11.38 23.65 10.80
CA VAL A 67 -10.83 22.63 11.71
C VAL A 67 -11.42 22.78 13.11
N LEU A 68 -11.82 21.67 13.72
CA LEU A 68 -12.34 21.66 15.08
C LEU A 68 -11.21 21.21 15.99
N ARG A 69 -10.53 20.12 15.58
CA ARG A 69 -9.41 19.51 16.28
C ARG A 69 -8.53 18.74 15.30
N ARG A 70 -7.23 18.71 15.59
CA ARG A 70 -6.19 18.03 14.82
C ARG A 70 -5.55 16.94 15.71
N TRP A 71 -4.93 15.93 15.05
CA TRP A 71 -4.18 14.84 15.69
C TRP A 71 -3.34 14.07 14.65
N SER A 72 -2.35 13.31 15.11
CA SER A 72 -1.49 12.50 14.25
C SER A 72 -1.48 11.04 14.69
N VAL A 73 -1.46 10.16 13.70
CA VAL A 73 -1.50 8.71 13.85
C VAL A 73 -0.09 8.14 13.64
N PRO A 74 0.50 7.50 14.68
CA PRO A 74 1.86 6.95 14.51
C PRO A 74 1.90 5.77 13.52
N PRO A 75 3.05 5.51 12.84
CA PRO A 75 3.09 4.40 11.86
C PRO A 75 2.89 3.02 12.48
N VAL A 76 2.17 2.16 11.74
CA VAL A 76 1.83 0.79 12.14
C VAL A 76 3.09 -0.07 12.13
N ARG A 77 3.39 -0.72 13.27
CA ARG A 77 4.56 -1.61 13.38
C ARG A 77 4.16 -3.04 13.83
N PRO A 78 4.70 -4.13 13.21
CA PRO A 78 5.66 -4.13 12.10
C PRO A 78 5.05 -3.68 10.77
N PRO A 79 5.70 -2.74 10.05
CA PRO A 79 5.14 -2.36 8.74
C PRO A 79 5.34 -3.47 7.70
N VAL A 80 4.36 -3.62 6.78
CA VAL A 80 4.44 -4.60 5.71
C VAL A 80 4.64 -3.93 4.36
N THR A 81 5.72 -4.30 3.64
CA THR A 81 5.99 -3.80 2.28
C THR A 81 5.54 -4.86 1.29
N VAL A 82 4.70 -4.47 0.33
CA VAL A 82 4.25 -5.39 -0.71
C VAL A 82 5.09 -5.24 -1.98
N VAL A 83 5.91 -6.25 -2.27
CA VAL A 83 6.71 -6.27 -3.50
C VAL A 83 5.88 -7.04 -4.51
N GLN A 84 5.47 -6.37 -5.58
CA GLN A 84 4.65 -7.02 -6.59
C GLN A 84 5.12 -6.80 -8.00
N ALA A 85 5.13 -7.89 -8.79
CA ALA A 85 5.49 -7.84 -10.20
C ALA A 85 4.29 -7.22 -10.92
N LEU A 86 4.32 -5.88 -11.10
CA LEU A 86 3.26 -5.10 -11.69
C LEU A 86 3.48 -4.69 -13.17
N PRO A 87 2.76 -5.29 -14.16
CA PRO A 87 2.90 -4.81 -15.55
C PRO A 87 1.98 -3.59 -15.76
N LYS A 88 1.90 -3.06 -17.01
CA LYS A 88 0.98 -1.95 -17.29
C LYS A 88 -0.40 -2.54 -17.61
N SER A 89 -1.19 -2.84 -16.56
CA SER A 89 -2.52 -3.44 -16.70
C SER A 89 -3.52 -2.98 -15.61
N GLU A 90 -4.83 -3.22 -15.86
CA GLU A 90 -5.93 -2.91 -14.93
C GLU A 90 -5.88 -3.88 -13.74
N ARG A 91 -5.25 -5.07 -13.93
CA ARG A 91 -5.08 -6.11 -12.92
C ARG A 91 -4.07 -5.66 -11.86
N SER A 92 -3.02 -4.90 -12.29
CA SER A 92 -1.97 -4.35 -11.42
C SER A 92 -2.60 -3.33 -10.47
N GLU A 93 -3.40 -2.40 -11.05
CA GLU A 93 -4.13 -1.35 -10.33
C GLU A 93 -4.99 -1.95 -9.22
N LEU A 94 -5.70 -3.07 -9.53
CA LEU A 94 -6.55 -3.81 -8.60
C LEU A 94 -5.77 -4.39 -7.43
N ALA A 95 -4.63 -5.04 -7.70
CA ALA A 95 -3.74 -5.62 -6.69
C ALA A 95 -3.31 -4.53 -5.69
N ILE A 96 -2.81 -3.41 -6.21
CA ILE A 96 -2.38 -2.21 -5.50
C ILE A 96 -3.52 -1.61 -4.63
N GLU A 97 -4.76 -1.64 -5.15
CA GLU A 97 -5.98 -1.13 -4.51
C GLU A 97 -6.39 -1.99 -3.32
N LEU A 98 -6.56 -3.32 -3.55
CA LEU A 98 -6.97 -4.30 -2.53
C LEU A 98 -5.97 -4.39 -1.36
N ALA A 99 -4.65 -4.41 -1.68
CA ALA A 99 -3.58 -4.41 -0.68
C ALA A 99 -3.65 -3.14 0.20
N THR A 100 -4.00 -1.97 -0.42
CA THR A 100 -4.13 -0.68 0.28
C THR A 100 -5.29 -0.77 1.26
N GLU A 101 -6.43 -1.32 0.82
CA GLU A 101 -7.59 -1.54 1.69
C GLU A 101 -7.19 -2.51 2.83
N ALA A 102 -6.48 -3.61 2.47
CA ALA A 102 -5.99 -4.65 3.40
C ALA A 102 -4.95 -4.15 4.41
N GLY A 103 -4.45 -2.93 4.24
CA GLY A 103 -3.49 -2.33 5.16
C GLY A 103 -2.02 -2.40 4.85
N ALA A 104 -1.63 -2.53 3.56
CA ALA A 104 -0.21 -2.55 3.14
C ALA A 104 0.44 -1.20 3.48
N ASP A 105 1.66 -1.23 3.99
CA ASP A 105 2.34 -0.02 4.45
C ASP A 105 3.18 0.71 3.41
N ALA A 106 3.60 0.00 2.33
CA ALA A 106 4.39 0.54 1.20
C ALA A 106 4.40 -0.47 0.05
N PHE A 107 4.68 0.01 -1.19
CA PHE A 107 4.76 -0.85 -2.37
C PHE A 107 6.08 -0.73 -3.13
N LEU A 108 6.57 -1.86 -3.63
CA LEU A 108 7.75 -1.93 -4.47
C LEU A 108 7.36 -2.68 -5.73
N ALA A 109 7.39 -1.98 -6.87
CA ALA A 109 7.07 -2.54 -8.17
C ALA A 109 8.32 -3.25 -8.67
N TRP A 110 8.17 -4.52 -9.05
CA TRP A 110 9.27 -5.35 -9.50
C TRP A 110 9.03 -5.89 -10.89
N GLN A 111 10.08 -5.95 -11.71
CA GLN A 111 9.99 -6.58 -13.03
C GLN A 111 10.63 -7.96 -12.90
N ALA A 112 9.79 -9.01 -12.90
CA ALA A 112 10.22 -10.40 -12.82
C ALA A 112 10.47 -10.96 -14.22
N ALA A 113 11.12 -12.14 -14.30
CA ALA A 113 11.49 -12.84 -15.54
C ALA A 113 10.33 -13.07 -16.52
N ARG A 114 9.14 -13.34 -16.00
CA ARG A 114 7.92 -13.63 -16.77
C ARG A 114 6.97 -12.40 -16.94
N CYS A 115 7.54 -11.20 -16.78
CA CYS A 115 6.88 -9.90 -16.93
C CYS A 115 7.40 -9.35 -18.25
N VAL A 116 8.57 -8.66 -18.15
CA VAL A 116 9.36 -8.01 -19.19
C VAL A 116 8.58 -7.13 -20.22
N ALA A 117 7.82 -6.17 -19.69
CA ALA A 117 7.08 -5.19 -20.47
C ALA A 117 7.96 -3.93 -20.41
N ASN A 118 9.04 -3.95 -21.21
CA ASN A 118 10.07 -2.91 -21.30
C ASN A 118 9.53 -1.48 -21.33
N TRP A 119 10.00 -0.64 -20.39
CA TRP A 119 9.63 0.77 -20.31
C TRP A 119 10.87 1.64 -20.30
N ASP A 120 10.71 2.88 -20.79
CA ASP A 120 11.75 3.89 -20.76
C ASP A 120 11.68 4.60 -19.40
N GLY A 121 12.68 5.45 -19.11
CA GLY A 121 12.76 6.21 -17.87
C GLY A 121 11.54 7.02 -17.54
N ALA A 122 10.96 7.68 -18.57
CA ALA A 122 9.75 8.50 -18.46
C ALA A 122 8.52 7.64 -18.16
N ARG A 123 8.34 6.51 -18.90
CA ARG A 123 7.24 5.55 -18.76
C ARG A 123 7.16 4.95 -17.34
N VAL A 124 8.33 4.62 -16.75
CA VAL A 124 8.40 4.08 -15.38
C VAL A 124 7.85 5.16 -14.45
N ASP A 125 8.28 6.43 -14.66
CA ASP A 125 7.84 7.60 -13.90
C ASP A 125 6.32 7.83 -14.06
N LYS A 126 5.77 7.73 -15.30
CA LYS A 126 4.34 7.87 -15.59
C LYS A 126 3.58 6.76 -14.87
N GLY A 127 4.05 5.51 -15.04
CA GLY A 127 3.52 4.30 -14.44
C GLY A 127 3.44 4.33 -12.94
N LEU A 128 4.50 4.83 -12.27
CA LEU A 128 4.55 4.95 -10.81
C LEU A 128 3.60 6.02 -10.32
N ARG A 129 3.50 7.17 -11.05
CA ARG A 129 2.58 8.27 -10.73
C ARG A 129 1.12 7.80 -10.80
N ARG A 130 0.80 6.93 -11.78
CA ARG A 130 -0.52 6.33 -11.95
C ARG A 130 -0.86 5.46 -10.73
N TRP A 131 0.07 4.56 -10.34
CA TRP A 131 -0.13 3.68 -9.19
C TRP A 131 -0.37 4.49 -7.92
N ARG A 132 0.38 5.61 -7.77
CA ARG A 132 0.27 6.54 -6.65
C ARG A 132 -1.11 7.15 -6.55
N ALA A 133 -1.71 7.49 -7.72
CA ALA A 133 -3.06 8.03 -7.81
C ALA A 133 -4.07 6.98 -7.32
N VAL A 134 -3.94 5.70 -7.80
CA VAL A 134 -4.75 4.52 -7.47
C VAL A 134 -4.72 4.25 -5.95
N VAL A 135 -3.50 4.26 -5.36
CA VAL A 135 -3.26 4.03 -3.93
C VAL A 135 -3.86 5.18 -3.14
N ARG A 136 -3.69 6.44 -3.60
CA ARG A 136 -4.26 7.62 -2.93
C ARG A 136 -5.78 7.49 -2.83
N SER A 137 -6.44 7.03 -3.90
CA SER A 137 -7.88 6.84 -3.96
C SER A 137 -8.35 5.75 -3.00
N ALA A 138 -7.68 4.57 -3.02
CA ALA A 138 -8.01 3.45 -2.13
C ALA A 138 -7.80 3.83 -0.68
N ALA A 139 -6.69 4.53 -0.39
CA ALA A 139 -6.30 5.02 0.94
C ALA A 139 -7.36 5.99 1.49
N ARG A 140 -7.90 6.86 0.61
CA ARG A 140 -8.92 7.85 0.94
C ARG A 140 -10.20 7.15 1.35
N GLN A 141 -10.65 6.18 0.55
CA GLN A 141 -11.86 5.39 0.80
C GLN A 141 -11.70 4.50 2.02
N SER A 142 -10.46 4.08 2.32
CA SER A 142 -10.12 3.27 3.49
C SER A 142 -9.84 4.15 4.71
N ARG A 143 -10.11 5.48 4.61
CA ARG A 143 -9.91 6.49 5.65
C ARG A 143 -8.50 6.42 6.30
N ARG A 144 -7.46 6.21 5.48
CA ARG A 144 -6.07 6.05 5.91
C ARG A 144 -5.33 7.34 6.20
N ALA A 145 -4.71 7.42 7.39
CA ALA A 145 -3.92 8.57 7.81
C ALA A 145 -2.61 8.65 6.98
N ARG A 146 -2.03 7.50 6.65
CA ARG A 146 -0.80 7.40 5.86
C ARG A 146 -1.05 6.68 4.53
N ILE A 147 -0.79 7.39 3.42
CA ILE A 147 -0.92 6.82 2.09
C ILE A 147 0.35 5.97 1.84
N PRO A 148 0.23 4.63 1.65
CA PRO A 148 1.45 3.82 1.45
C PRO A 148 2.23 4.25 0.22
N PRO A 149 3.56 4.51 0.34
CA PRO A 149 4.36 4.91 -0.84
C PRO A 149 4.40 3.85 -1.93
N VAL A 150 4.71 4.28 -3.16
CA VAL A 150 4.87 3.39 -4.31
C VAL A 150 6.20 3.75 -4.93
N ASP A 151 7.07 2.75 -5.04
CA ASP A 151 8.42 2.90 -5.57
C ASP A 151 8.76 1.72 -6.46
N GLY A 152 9.56 2.00 -7.49
CA GLY A 152 10.01 1.01 -8.46
C GLY A 152 10.80 1.65 -9.57
N VAL A 153 11.05 0.93 -10.69
CA VAL A 153 10.65 -0.47 -10.88
C VAL A 153 11.91 -1.33 -10.73
N LEU A 154 11.95 -2.12 -9.65
CA LEU A 154 13.10 -2.95 -9.31
C LEU A 154 13.37 -4.10 -10.26
N SER A 155 14.66 -4.37 -10.46
CA SER A 155 15.11 -5.54 -11.21
C SER A 155 15.27 -6.65 -10.14
N THR A 156 15.47 -7.92 -10.57
CA THR A 156 15.69 -9.00 -9.60
C THR A 156 17.00 -8.74 -8.80
N PRO A 157 18.16 -8.38 -9.43
CA PRO A 157 19.37 -8.06 -8.63
C PRO A 157 19.20 -6.88 -7.66
N MET A 158 18.28 -5.94 -7.96
CA MET A 158 18.04 -4.78 -7.09
C MET A 158 17.19 -5.23 -5.90
N LEU A 159 16.19 -6.09 -6.18
CA LEU A 159 15.29 -6.66 -5.19
C LEU A 159 16.06 -7.59 -4.24
N VAL A 160 16.91 -8.48 -4.79
CA VAL A 160 17.75 -9.42 -4.05
C VAL A 160 18.67 -8.66 -3.08
N GLN A 161 19.24 -7.51 -3.52
CA GLN A 161 20.09 -6.67 -2.69
C GLN A 161 19.28 -6.03 -1.57
N ARG A 162 18.00 -5.69 -1.85
CA ARG A 162 17.07 -5.08 -0.90
C ARG A 162 16.66 -6.11 0.17
N VAL A 163 16.44 -7.39 -0.26
CA VAL A 163 16.10 -8.51 0.62
C VAL A 163 17.28 -8.74 1.60
N ARG A 164 18.53 -8.78 1.06
CA ARG A 164 19.75 -8.92 1.86
C ARG A 164 19.81 -7.81 2.92
N GLU A 165 19.53 -6.56 2.52
CA GLU A 165 19.53 -5.38 3.39
C GLU A 165 18.42 -5.44 4.46
N GLU A 166 17.18 -5.81 4.05
CA GLU A 166 16.01 -5.94 4.92
C GLU A 166 16.19 -7.03 5.96
N VAL A 167 16.61 -8.24 5.53
CA VAL A 167 16.84 -9.39 6.41
C VAL A 167 17.88 -9.06 7.47
N ALA A 168 18.97 -8.38 7.07
CA ALA A 168 20.05 -7.94 7.94
C ALA A 168 19.52 -6.97 9.01
N ALA A 169 18.54 -6.11 8.64
CA ALA A 169 17.91 -5.13 9.52
C ALA A 169 16.78 -5.72 10.37
N GLY A 170 16.65 -7.04 10.35
CA GLY A 170 15.67 -7.79 11.13
C GLY A 170 14.28 -7.93 10.54
N ALA A 171 14.14 -7.77 9.22
CA ALA A 171 12.85 -7.92 8.54
C ALA A 171 12.61 -9.36 8.08
N ALA A 172 11.34 -9.78 8.09
CA ALA A 172 10.92 -11.11 7.62
C ALA A 172 10.43 -10.98 6.19
N VAL A 173 11.19 -11.53 5.23
CA VAL A 173 10.87 -11.47 3.82
C VAL A 173 10.21 -12.77 3.39
N LEU A 174 8.93 -12.70 3.02
CA LEU A 174 8.14 -13.87 2.62
C LEU A 174 7.81 -13.82 1.15
N VAL A 175 8.21 -14.88 0.41
CA VAL A 175 7.94 -15.00 -1.03
C VAL A 175 6.70 -15.89 -1.17
N LEU A 176 5.57 -15.31 -1.62
CA LEU A 176 4.35 -16.09 -1.78
C LEU A 176 4.49 -16.99 -3.00
N HIS A 177 4.83 -18.27 -2.74
CA HIS A 177 5.05 -19.29 -3.76
C HIS A 177 4.18 -20.50 -3.54
N GLU A 178 3.51 -20.93 -4.62
CA GLU A 178 2.58 -22.05 -4.67
C GLU A 178 3.20 -23.39 -4.23
N GLU A 179 4.33 -23.78 -4.87
CA GLU A 179 5.00 -25.03 -4.53
C GLU A 179 6.04 -24.93 -3.40
N ALA A 180 5.78 -24.04 -2.43
CA ALA A 180 6.65 -23.84 -1.27
C ALA A 180 6.43 -24.95 -0.25
N THR A 181 7.51 -25.48 0.32
CA THR A 181 7.44 -26.55 1.31
C THR A 181 7.16 -26.00 2.73
N GLU A 182 7.20 -24.66 2.88
CA GLU A 182 6.98 -23.98 4.16
C GLU A 182 5.66 -23.22 4.16
N ARG A 183 4.96 -23.24 5.30
CA ARG A 183 3.66 -22.58 5.49
C ARG A 183 3.83 -21.27 6.25
N ILE A 184 2.97 -20.26 5.91
CA ILE A 184 2.95 -18.93 6.54
C ILE A 184 2.70 -19.02 8.05
N VAL A 185 1.86 -19.99 8.47
CA VAL A 185 1.47 -20.29 9.87
C VAL A 185 2.73 -20.50 10.73
N ASP A 186 3.59 -21.44 10.32
CA ASP A 186 4.84 -21.75 11.02
C ASP A 186 6.00 -20.87 10.55
N ILE A 187 5.93 -19.57 10.87
CA ILE A 187 6.96 -18.59 10.53
C ILE A 187 7.24 -17.67 11.72
N ALA A 188 8.51 -17.26 11.91
CA ALA A 188 8.95 -16.39 13.02
C ALA A 188 8.42 -14.93 12.90
N ALA A 189 7.12 -14.80 12.56
CA ALA A 189 6.39 -13.54 12.34
C ALA A 189 6.33 -12.52 13.48
N ALA A 190 5.95 -12.95 14.70
CA ALA A 190 5.80 -12.06 15.86
C ALA A 190 7.11 -11.42 16.37
N GLN A 191 8.26 -12.09 16.15
CA GLN A 191 9.59 -11.61 16.54
C GLN A 191 10.13 -10.52 15.60
N ALA A 192 9.71 -10.53 14.32
CA ALA A 192 10.13 -9.60 13.29
C ALA A 192 9.64 -8.16 13.48
N GLY A 193 10.56 -7.22 13.31
CA GLY A 193 10.31 -5.79 13.44
C GLY A 193 9.78 -5.14 12.18
N SER A 194 9.82 -5.87 11.06
CA SER A 194 9.37 -5.46 9.73
C SER A 194 9.04 -6.69 8.89
N LEU A 195 8.21 -6.54 7.85
CA LEU A 195 7.84 -7.64 6.93
C LEU A 195 7.77 -7.18 5.49
N MET A 196 8.07 -8.11 4.57
CA MET A 196 8.04 -7.85 3.14
C MET A 196 7.42 -9.04 2.39
N LEU A 197 6.21 -8.84 1.82
CA LEU A 197 5.51 -9.88 1.05
C LEU A 197 5.89 -9.75 -0.42
N VAL A 198 6.46 -10.82 -1.01
CA VAL A 198 6.87 -10.83 -2.42
C VAL A 198 5.85 -11.60 -3.23
N VAL A 199 5.15 -10.89 -4.14
CA VAL A 199 4.14 -11.46 -5.04
C VAL A 199 4.68 -11.40 -6.46
N GLY A 200 4.84 -12.58 -7.06
CA GLY A 200 5.34 -12.71 -8.43
C GLY A 200 4.28 -12.43 -9.48
N PRO A 201 4.64 -12.55 -10.79
CA PRO A 201 3.66 -12.30 -11.84
C PRO A 201 2.72 -13.49 -12.06
N GLU A 202 1.78 -13.33 -13.01
CA GLU A 202 0.76 -14.31 -13.40
C GLU A 202 1.39 -15.62 -13.84
N GLY A 203 2.57 -15.53 -14.46
CA GLY A 203 3.34 -16.68 -14.92
C GLY A 203 4.17 -17.32 -13.82
N GLY A 204 4.15 -16.72 -12.62
CA GLY A 204 4.88 -17.22 -11.45
C GLY A 204 6.32 -16.79 -11.40
N ILE A 205 6.98 -17.07 -10.27
CA ILE A 205 8.40 -16.77 -10.04
C ILE A 205 9.24 -17.91 -10.64
N ALA A 206 10.25 -17.57 -11.47
CA ALA A 206 11.15 -18.54 -12.09
C ALA A 206 12.07 -19.17 -11.02
N PRO A 207 12.52 -20.45 -11.20
CA PRO A 207 13.38 -21.08 -10.16
C PRO A 207 14.68 -20.36 -9.84
N ASP A 208 15.28 -19.71 -10.85
CA ASP A 208 16.52 -18.94 -10.77
C ASP A 208 16.34 -17.70 -9.88
N GLU A 209 15.18 -17.01 -10.00
CA GLU A 209 14.81 -15.82 -9.22
C GLU A 209 14.53 -16.23 -7.79
N LEU A 210 13.75 -17.32 -7.61
CA LEU A 210 13.35 -17.87 -6.33
C LEU A 210 14.58 -18.24 -5.51
N ALA A 211 15.55 -18.94 -6.12
CA ALA A 211 16.81 -19.32 -5.48
C ALA A 211 17.58 -18.06 -5.06
N ALA A 212 17.67 -17.05 -5.97
CA ALA A 212 18.34 -15.78 -5.73
C ALA A 212 17.75 -15.03 -4.54
N LEU A 213 16.41 -15.01 -4.44
CA LEU A 213 15.67 -14.37 -3.35
C LEU A 213 15.81 -15.15 -2.05
N THR A 214 15.68 -16.51 -2.11
CA THR A 214 15.80 -17.37 -0.93
C THR A 214 17.21 -17.39 -0.35
N ASP A 215 18.24 -17.28 -1.23
CA ASP A 215 19.64 -17.23 -0.83
C ASP A 215 19.95 -15.90 -0.13
N ALA A 216 19.22 -14.83 -0.52
CA ALA A 216 19.38 -13.50 0.07
C ALA A 216 18.82 -13.41 1.51
N GLY A 217 17.88 -14.30 1.86
CA GLY A 217 17.27 -14.36 3.18
C GLY A 217 15.76 -14.45 3.18
N ALA A 218 15.15 -14.47 1.98
CA ALA A 218 13.70 -14.59 1.83
C ALA A 218 13.31 -16.06 2.05
N VAL A 219 12.06 -16.31 2.44
CA VAL A 219 11.56 -17.66 2.66
C VAL A 219 10.31 -17.84 1.80
N ALA A 220 10.28 -18.91 0.97
CA ALA A 220 9.12 -19.21 0.14
C ALA A 220 8.06 -19.77 1.06
N VAL A 221 6.90 -19.12 1.07
CA VAL A 221 5.79 -19.45 1.94
C VAL A 221 4.51 -19.63 1.12
N ARG A 222 3.64 -20.55 1.55
CA ARG A 222 2.39 -20.90 0.89
C ARG A 222 1.18 -20.34 1.68
N LEU A 223 0.08 -20.02 0.98
CA LEU A 223 -1.13 -19.52 1.62
C LEU A 223 -2.22 -20.57 1.52
N GLY A 224 -2.01 -21.68 2.22
CA GLY A 224 -2.95 -22.80 2.25
C GLY A 224 -3.19 -23.45 0.89
N PRO A 225 -4.33 -24.17 0.73
CA PRO A 225 -4.61 -24.84 -0.56
C PRO A 225 -4.98 -23.87 -1.68
N THR A 226 -5.30 -22.62 -1.30
CA THR A 226 -5.70 -21.54 -2.20
C THR A 226 -4.61 -21.24 -3.25
N VAL A 227 -5.01 -21.29 -4.55
CA VAL A 227 -4.11 -20.95 -5.67
C VAL A 227 -3.92 -19.42 -5.64
N LEU A 228 -2.65 -19.00 -5.52
CA LEU A 228 -2.24 -17.60 -5.41
C LEU A 228 -2.57 -16.83 -6.69
N ARG A 229 -3.47 -15.85 -6.58
CA ARG A 229 -3.91 -15.03 -7.69
C ARG A 229 -3.35 -13.63 -7.51
N THR A 230 -2.72 -13.05 -8.56
CA THR A 230 -2.05 -11.73 -8.51
C THR A 230 -2.87 -10.60 -7.88
N SER A 231 -4.20 -10.62 -8.09
CA SER A 231 -5.12 -9.64 -7.52
C SER A 231 -5.32 -9.79 -6.00
N THR A 232 -5.48 -11.05 -5.51
CA THR A 232 -5.74 -11.37 -4.09
C THR A 232 -4.56 -11.77 -3.19
N ALA A 233 -3.45 -12.22 -3.76
CA ALA A 233 -2.29 -12.70 -3.00
C ALA A 233 -1.86 -11.85 -1.80
N ALA A 234 -1.61 -10.53 -2.02
CA ALA A 234 -1.19 -9.63 -0.94
C ALA A 234 -2.28 -9.38 0.12
N ALA A 235 -3.54 -9.15 -0.31
CA ALA A 235 -4.66 -8.93 0.62
C ALA A 235 -4.94 -10.14 1.53
N VAL A 236 -4.83 -11.37 1.00
CA VAL A 236 -5.08 -12.58 1.79
C VAL A 236 -3.93 -12.78 2.76
N ALA A 237 -2.68 -12.52 2.30
CA ALA A 237 -1.47 -12.66 3.11
C ALA A 237 -1.44 -11.61 4.20
N LEU A 238 -1.93 -10.39 3.91
CA LEU A 238 -2.01 -9.32 4.90
C LEU A 238 -2.94 -9.67 6.08
N GLY A 239 -4.03 -10.38 5.79
CA GLY A 239 -5.00 -10.87 6.76
C GLY A 239 -4.39 -11.94 7.64
N ALA A 240 -3.51 -12.76 7.06
CA ALA A 240 -2.80 -13.80 7.77
C ALA A 240 -1.73 -13.15 8.67
N VAL A 241 -0.92 -12.24 8.08
CA VAL A 241 0.14 -11.47 8.76
C VAL A 241 -0.43 -10.63 9.93
N GLY A 242 -1.64 -10.09 9.79
CA GLY A 242 -2.29 -9.32 10.84
C GLY A 242 -2.53 -10.13 12.09
N VAL A 243 -2.93 -11.39 11.91
CA VAL A 243 -3.19 -12.31 13.01
C VAL A 243 -1.87 -12.84 13.63
N LEU A 244 -0.90 -13.25 12.79
CA LEU A 244 0.40 -13.78 13.20
C LEU A 244 1.26 -12.74 13.92
N THR A 245 1.14 -11.46 13.56
CA THR A 245 1.90 -10.37 14.15
C THR A 245 1.05 -9.51 15.08
N SER A 246 1.69 -8.53 15.74
CA SER A 246 1.06 -7.56 16.67
C SER A 246 0.29 -6.45 15.93
N ARG A 247 0.23 -6.54 14.59
CA ARG A 247 -0.45 -5.62 13.69
C ARG A 247 -1.95 -5.43 13.99
N TRP A 248 -2.62 -6.49 14.47
CA TRP A 248 -4.04 -6.47 14.82
C TRP A 248 -4.21 -6.69 16.33
N ASP A 249 -3.20 -7.34 16.97
CA ASP A 249 -3.18 -7.68 18.40
C ASP A 249 -3.02 -6.44 19.30
#